data_1FRS
#
_entry.id   1FRS
#
_cell.length_a   422.900
_cell.length_b   305.900
_cell.length_c   274.800
_cell.angle_alpha   90.00
_cell.angle_beta   129.80
_cell.angle_gamma   90.00
#
_symmetry.space_group_name_H-M   'C 1 2 1'
#
_entity_poly.entity_id   1
_entity_poly.type   'polypeptide(L)'
_entity_poly.pdbx_seq_one_letter_code
;ASNFEEFVLVDNGGTGDVKVAPSNFANGVAEWISSNSRSQAYKVTCSVRQSSANNRKYTVKVEVPKVATQVQGGVELPVA
AWRSYMNMELTIPVFATNDDCALIVKALQGTFKTGNPIATAIAANSGIY
;
_entity_poly.pdbx_strand_id   A,B,C
#
# COMPACT_ATOMS: atom_id res chain seq x y z
N ALA A 1 -5.66 12.61 3.58
CA ALA A 1 -6.46 11.42 3.18
C ALA A 1 -5.52 10.19 2.97
N SER A 2 -6.34 9.14 3.18
CA SER A 2 -5.99 7.74 3.14
C SER A 2 -7.36 7.31 3.57
N ASN A 3 -8.15 6.83 2.64
CA ASN A 3 -9.49 6.36 3.00
C ASN A 3 -9.38 5.04 3.66
N PHE A 4 -8.19 4.47 3.70
CA PHE A 4 -8.08 3.24 4.39
C PHE A 4 -8.25 3.51 5.88
N GLU A 5 -9.46 3.27 6.41
CA GLU A 5 -9.78 3.55 7.79
C GLU A 5 -10.74 2.65 8.54
N GLU A 6 -10.72 2.60 9.89
CA GLU A 6 -11.62 1.68 10.54
C GLU A 6 -13.01 2.21 10.51
N PHE A 7 -14.01 1.38 10.55
CA PHE A 7 -15.34 1.89 10.58
C PHE A 7 -16.18 0.79 11.18
N VAL A 8 -17.42 1.11 11.38
CA VAL A 8 -18.22 0.21 12.15
C VAL A 8 -19.06 -0.48 11.13
N LEU A 9 -18.93 -1.79 11.06
CA LEU A 9 -19.72 -2.54 10.12
C LEU A 9 -21.09 -2.82 10.74
N VAL A 10 -21.13 -3.00 12.04
CA VAL A 10 -22.40 -3.28 12.63
C VAL A 10 -22.81 -2.29 13.69
N ASP A 11 -23.81 -1.46 13.34
CA ASP A 11 -24.32 -0.44 14.24
C ASP A 11 -25.50 -0.77 15.12
N ASN A 12 -25.01 -1.22 16.25
CA ASN A 12 -25.96 -1.55 17.28
C ASN A 12 -26.09 -0.47 18.33
N GLY A 13 -26.53 0.68 17.80
CA GLY A 13 -26.68 1.88 18.63
C GLY A 13 -25.32 2.44 19.11
N GLY A 14 -24.78 1.85 20.19
CA GLY A 14 -23.47 2.22 20.76
C GLY A 14 -22.87 1.03 21.52
N THR A 15 -23.75 0.07 21.71
CA THR A 15 -23.47 -1.08 22.53
C THR A 15 -23.28 -2.35 21.70
N GLY A 16 -21.95 -2.58 21.45
CA GLY A 16 -21.51 -3.77 20.68
C GLY A 16 -21.72 -3.57 19.18
N ASP A 17 -20.93 -2.57 18.90
CA ASP A 17 -20.86 -2.19 17.55
C ASP A 17 -19.72 -3.07 17.04
N VAL A 18 -19.97 -3.66 15.89
CA VAL A 18 -18.90 -4.45 15.39
C VAL A 18 -18.23 -3.46 14.49
N LYS A 19 -17.12 -3.09 15.05
CA LYS A 19 -16.30 -2.12 14.40
C LYS A 19 -15.19 -2.99 13.88
N VAL A 20 -14.65 -2.58 12.73
CA VAL A 20 -13.66 -3.30 11.96
C VAL A 20 -12.42 -2.45 11.61
N ALA A 21 -11.18 -2.90 11.70
CA ALA A 21 -10.02 -2.07 11.43
C ALA A 21 -9.18 -2.56 10.31
N PRO A 22 -8.39 -1.74 9.68
CA PRO A 22 -7.38 -2.19 8.74
C PRO A 22 -6.37 -3.09 9.38
N SER A 23 -6.13 -4.13 8.59
CA SER A 23 -5.30 -5.24 8.99
C SER A 23 -4.26 -5.62 7.99
N ASN A 24 -4.56 -5.47 6.72
CA ASN A 24 -3.60 -5.87 5.72
C ASN A 24 -3.94 -5.27 4.43
N PHE A 25 -2.93 -5.00 3.63
CA PHE A 25 -3.16 -4.44 2.33
C PHE A 25 -2.30 -5.14 1.33
N ALA A 26 -1.97 -6.36 1.70
CA ALA A 26 -1.05 -7.10 0.88
C ALA A 26 -1.71 -7.48 -0.40
N ASN A 27 -0.98 -7.15 -1.46
CA ASN A 27 -1.47 -7.43 -2.80
C ASN A 27 -2.72 -6.72 -3.25
N GLY A 28 -3.01 -5.56 -2.68
CA GLY A 28 -4.06 -4.77 -3.26
C GLY A 28 -5.43 -5.28 -2.87
N VAL A 29 -5.44 -6.08 -1.82
CA VAL A 29 -6.70 -6.32 -1.25
C VAL A 29 -6.55 -5.63 0.05
N ALA A 30 -7.60 -4.89 0.27
CA ALA A 30 -7.70 -4.16 1.47
C ALA A 30 -8.48 -5.03 2.42
N GLU A 31 -7.87 -5.27 3.55
CA GLU A 31 -8.46 -6.13 4.53
C GLU A 31 -8.71 -5.37 5.79
N TRP A 32 -9.89 -5.59 6.31
CA TRP A 32 -10.24 -5.00 7.54
C TRP A 32 -10.77 -6.11 8.37
N ILE A 33 -10.42 -6.23 9.64
CA ILE A 33 -11.06 -7.25 10.45
C ILE A 33 -11.51 -6.70 11.80
N SER A 34 -12.38 -7.43 12.48
CA SER A 34 -12.86 -7.02 13.77
C SER A 34 -11.81 -7.27 14.80
N SER A 35 -12.15 -7.23 16.06
CA SER A 35 -11.07 -7.34 16.99
C SER A 35 -11.11 -8.65 17.71
N ASN A 36 -11.16 -9.73 16.96
CA ASN A 36 -11.35 -10.99 17.67
C ASN A 36 -10.17 -11.85 17.38
N SER A 37 -10.19 -13.14 17.74
CA SER A 37 -9.07 -13.94 17.28
C SER A 37 -9.35 -14.14 15.81
N ARG A 38 -8.31 -14.49 15.10
CA ARG A 38 -8.45 -14.67 13.69
C ARG A 38 -9.48 -15.74 13.38
N SER A 39 -9.59 -16.67 14.30
CA SER A 39 -10.58 -17.71 14.25
C SER A 39 -11.99 -17.24 14.29
N GLN A 40 -12.14 -15.98 14.59
CA GLN A 40 -13.44 -15.43 14.86
C GLN A 40 -13.77 -14.09 14.31
N ALA A 41 -12.86 -13.41 13.67
CA ALA A 41 -13.23 -12.07 13.31
C ALA A 41 -14.22 -11.82 12.20
N TYR A 42 -14.95 -10.72 12.22
CA TYR A 42 -15.68 -10.29 11.07
C TYR A 42 -14.59 -9.92 10.07
N LYS A 43 -14.83 -9.82 8.77
CA LYS A 43 -13.79 -9.42 7.85
C LYS A 43 -14.33 -8.79 6.61
N VAL A 44 -13.65 -7.80 6.09
CA VAL A 44 -14.09 -7.14 4.92
C VAL A 44 -12.92 -6.94 4.05
N THR A 45 -13.17 -7.05 2.76
CA THR A 45 -12.13 -6.85 1.83
C THR A 45 -12.61 -6.21 0.61
N CYS A 46 -11.67 -5.51 0.04
CA CYS A 46 -12.00 -4.74 -1.09
C CYS A 46 -10.89 -4.65 -2.05
N SER A 47 -11.16 -4.52 -3.35
CA SER A 47 -10.13 -4.40 -4.38
C SER A 47 -10.68 -3.88 -5.68
N VAL A 48 -9.88 -3.24 -6.47
CA VAL A 48 -10.39 -2.76 -7.74
C VAL A 48 -9.39 -3.20 -8.73
N ARG A 49 -9.82 -3.66 -9.87
CA ARG A 49 -8.84 -3.98 -10.91
C ARG A 49 -9.44 -3.41 -12.16
N GLN A 50 -8.61 -3.11 -13.15
CA GLN A 50 -9.12 -2.48 -14.36
C GLN A 50 -9.49 -3.48 -15.43
N SER A 51 -10.70 -4.10 -15.42
CA SER A 51 -11.14 -5.18 -16.37
C SER A 51 -11.10 -5.08 -17.96
N SER A 52 -12.14 -4.64 -18.75
CA SER A 52 -11.95 -4.34 -20.18
C SER A 52 -11.10 -3.05 -20.18
N ALA A 53 -11.00 -2.46 -21.35
CA ALA A 53 -10.48 -1.09 -21.30
C ALA A 53 -11.64 -0.15 -20.88
N ASN A 54 -12.87 -0.63 -20.63
CA ASN A 54 -13.89 0.33 -20.42
C ASN A 54 -14.44 0.22 -19.08
N ASN A 55 -13.88 -0.54 -18.18
CA ASN A 55 -14.57 -0.68 -16.92
C ASN A 55 -13.60 -0.99 -15.87
N ARG A 56 -14.09 -0.89 -14.65
CA ARG A 56 -13.33 -1.27 -13.48
C ARG A 56 -14.25 -2.12 -12.62
N LYS A 57 -13.65 -2.84 -11.71
CA LYS A 57 -14.41 -3.75 -10.95
C LYS A 57 -13.99 -3.66 -9.57
N TYR A 58 -14.96 -3.45 -8.73
CA TYR A 58 -14.62 -3.40 -7.35
C TYR A 58 -15.06 -4.77 -6.90
N THR A 59 -14.38 -5.30 -5.91
CA THR A 59 -14.70 -6.60 -5.38
C THR A 59 -14.60 -6.53 -3.91
N VAL A 60 -15.77 -6.74 -3.35
CA VAL A 60 -15.96 -6.56 -1.95
C VAL A 60 -16.55 -7.76 -1.35
N LYS A 61 -16.01 -8.07 -0.19
CA LYS A 61 -16.46 -9.24 0.51
C LYS A 61 -16.53 -8.99 1.99
N VAL A 62 -17.53 -9.65 2.58
CA VAL A 62 -17.92 -9.44 3.94
C VAL A 62 -18.02 -10.77 4.59
N GLU A 63 -17.55 -10.94 5.79
CA GLU A 63 -17.64 -12.24 6.40
C GLU A 63 -18.28 -12.09 7.72
N VAL A 64 -19.41 -12.69 7.98
CA VAL A 64 -20.01 -12.55 9.28
C VAL A 64 -19.93 -13.84 10.05
N PRO A 65 -19.41 -13.85 11.24
CA PRO A 65 -19.14 -15.06 11.97
C PRO A 65 -20.10 -15.45 13.04
N LYS A 66 -20.74 -16.58 13.10
CA LYS A 66 -21.48 -16.89 14.31
C LYS A 66 -20.50 -17.51 15.29
N VAL A 67 -20.21 -16.81 16.36
CA VAL A 67 -19.18 -17.22 17.32
C VAL A 67 -19.45 -18.29 18.33
N ALA A 68 -18.42 -18.96 18.84
CA ALA A 68 -18.55 -19.96 19.93
C ALA A 68 -17.24 -20.53 20.46
N THR A 69 -17.32 -21.50 21.37
CA THR A 69 -16.14 -22.14 21.95
C THR A 69 -16.33 -23.63 21.82
N GLN A 70 -15.43 -24.20 21.06
CA GLN A 70 -15.48 -25.61 20.76
C GLN A 70 -14.38 -26.23 21.57
N VAL A 71 -14.67 -27.49 21.86
CA VAL A 71 -13.75 -28.27 22.64
C VAL A 71 -13.13 -29.35 21.79
N GLN A 72 -11.89 -29.15 21.41
CA GLN A 72 -11.23 -30.18 20.61
C GLN A 72 -10.13 -30.72 21.54
N GLY A 73 -10.25 -32.06 21.73
CA GLY A 73 -9.32 -32.77 22.61
C GLY A 73 -9.36 -32.24 24.05
N GLY A 74 -10.60 -31.88 24.46
CA GLY A 74 -10.84 -31.47 25.84
C GLY A 74 -10.28 -30.12 26.30
N VAL A 75 -10.07 -29.29 25.28
CA VAL A 75 -9.53 -27.96 25.49
C VAL A 75 -10.50 -26.99 24.83
N GLU A 76 -10.67 -25.77 25.32
CA GLU A 76 -11.61 -24.94 24.60
C GLU A 76 -10.90 -23.84 23.87
N LEU A 77 -11.42 -23.76 22.66
CA LEU A 77 -10.98 -22.85 21.63
C LEU A 77 -12.05 -21.94 21.09
N PRO A 78 -11.72 -20.71 20.79
CA PRO A 78 -12.60 -19.74 20.18
C PRO A 78 -12.68 -20.13 18.76
N VAL A 79 -13.88 -20.06 18.22
CA VAL A 79 -14.08 -20.50 16.85
C VAL A 79 -15.44 -20.10 16.33
N ALA A 80 -15.64 -20.15 15.03
CA ALA A 80 -16.91 -19.78 14.46
C ALA A 80 -17.71 -21.01 14.15
N ALA A 81 -18.98 -21.05 14.52
CA ALA A 81 -19.75 -22.22 14.22
C ALA A 81 -20.03 -22.32 12.77
N TRP A 82 -20.11 -21.15 12.18
CA TRP A 82 -20.27 -21.06 10.76
C TRP A 82 -20.11 -19.65 10.37
N ARG A 83 -20.09 -19.34 9.11
CA ARG A 83 -19.95 -17.96 8.71
C ARG A 83 -20.94 -17.65 7.64
N SER A 84 -21.21 -16.41 7.33
CA SER A 84 -22.07 -16.17 6.24
C SER A 84 -21.25 -15.31 5.34
N TYR A 85 -21.45 -15.43 4.05
CA TYR A 85 -20.58 -14.75 3.15
C TYR A 85 -21.34 -13.93 2.18
N MET A 86 -20.73 -12.78 2.05
CA MET A 86 -21.25 -11.80 1.14
C MET A 86 -20.14 -11.54 0.20
N ASN A 87 -20.68 -11.33 -0.96
CA ASN A 87 -19.80 -11.27 -2.06
C ASN A 87 -20.31 -10.46 -3.22
N MET A 88 -19.49 -9.58 -3.71
CA MET A 88 -20.02 -8.58 -4.56
C MET A 88 -19.06 -8.04 -5.52
N GLU A 89 -19.68 -7.78 -6.62
CA GLU A 89 -18.91 -7.38 -7.73
C GLU A 89 -19.47 -6.22 -8.45
N LEU A 90 -18.69 -5.21 -8.66
CA LEU A 90 -19.26 -4.03 -9.21
C LEU A 90 -18.47 -3.53 -10.37
N THR A 91 -19.18 -3.08 -11.36
CA THR A 91 -18.51 -2.72 -12.57
C THR A 91 -18.86 -1.35 -13.04
N ILE A 92 -17.93 -0.47 -13.26
CA ILE A 92 -18.36 0.85 -13.61
C ILE A 92 -17.64 1.19 -14.86
N PRO A 93 -18.28 1.77 -15.84
CA PRO A 93 -17.66 2.26 -17.02
C PRO A 93 -16.61 3.21 -16.60
N VAL A 94 -15.86 3.54 -17.56
CA VAL A 94 -14.80 4.43 -17.25
C VAL A 94 -15.30 5.83 -17.24
N PHE A 95 -16.29 5.99 -18.07
CA PHE A 95 -16.86 7.29 -18.33
C PHE A 95 -17.70 7.82 -17.25
N ALA A 96 -17.97 6.99 -16.28
CA ALA A 96 -18.64 7.48 -15.11
C ALA A 96 -17.86 8.58 -14.42
N THR A 97 -18.64 9.62 -14.30
CA THR A 97 -18.23 10.76 -13.54
C THR A 97 -18.45 10.36 -12.11
N ASN A 98 -17.91 11.30 -11.38
CA ASN A 98 -18.06 11.21 -9.98
C ASN A 98 -19.47 11.18 -9.48
N ASP A 99 -20.32 11.87 -10.19
CA ASP A 99 -21.71 11.94 -9.79
C ASP A 99 -22.36 10.63 -10.06
N ASP A 100 -21.93 10.12 -11.21
CA ASP A 100 -22.50 8.89 -11.66
C ASP A 100 -22.25 7.86 -10.63
N CYS A 101 -21.07 7.90 -10.03
CA CYS A 101 -20.80 6.93 -9.02
C CYS A 101 -21.65 7.08 -7.82
N ALA A 102 -21.85 8.32 -7.42
CA ALA A 102 -22.62 8.54 -6.22
C ALA A 102 -23.95 7.88 -6.27
N LEU A 103 -24.45 7.98 -7.48
CA LEU A 103 -25.72 7.42 -7.73
C LEU A 103 -25.77 5.97 -7.34
N ILE A 104 -24.71 5.32 -7.77
CA ILE A 104 -24.57 3.91 -7.60
C ILE A 104 -24.66 3.56 -6.15
N VAL A 105 -23.86 4.33 -5.48
CA VAL A 105 -23.73 4.11 -4.11
C VAL A 105 -25.07 4.23 -3.45
N LYS A 106 -25.74 5.29 -3.75
CA LYS A 106 -27.03 5.49 -3.14
C LYS A 106 -27.99 4.38 -3.45
N ALA A 107 -27.91 3.93 -4.68
CA ALA A 107 -28.82 2.95 -5.14
C ALA A 107 -28.68 1.69 -4.36
N LEU A 108 -27.40 1.47 -4.13
CA LEU A 108 -26.91 0.32 -3.45
C LEU A 108 -27.52 0.30 -2.08
N GLN A 109 -27.42 1.47 -1.49
CA GLN A 109 -27.95 1.69 -0.16
C GLN A 109 -29.43 1.45 -0.20
N GLY A 110 -30.05 1.93 -1.29
CA GLY A 110 -31.46 1.84 -1.54
C GLY A 110 -31.83 0.40 -1.37
N THR A 111 -31.15 -0.47 -2.09
CA THR A 111 -31.41 -1.89 -2.08
C THR A 111 -31.62 -2.50 -0.74
N PHE A 112 -30.57 -2.14 -0.05
CA PHE A 112 -30.42 -2.72 1.22
C PHE A 112 -31.01 -1.99 2.39
N LYS A 113 -31.70 -0.85 2.20
CA LYS A 113 -32.23 -0.11 3.36
C LYS A 113 -33.28 -0.90 4.10
N THR A 114 -33.17 -0.88 5.44
CA THR A 114 -34.07 -1.58 6.35
C THR A 114 -35.50 -1.26 5.96
N GLY A 115 -36.41 -2.19 5.66
CA GLY A 115 -37.75 -1.82 5.19
C GLY A 115 -37.95 -1.88 3.67
N ASN A 116 -36.92 -1.60 2.94
CA ASN A 116 -37.02 -1.86 1.53
C ASN A 116 -36.97 -3.37 1.32
N PRO A 117 -37.77 -3.93 0.45
CA PRO A 117 -38.08 -5.36 0.48
C PRO A 117 -36.91 -6.34 0.48
N ILE A 118 -35.76 -6.11 -0.19
CA ILE A 118 -34.72 -7.14 -0.19
C ILE A 118 -34.28 -7.43 1.22
N ALA A 119 -33.95 -6.27 1.73
CA ALA A 119 -33.48 -6.13 3.06
C ALA A 119 -34.32 -6.89 4.05
N THR A 120 -35.58 -6.81 3.75
CA THR A 120 -36.58 -7.41 4.58
C THR A 120 -36.51 -8.91 4.55
N ALA A 121 -36.66 -9.39 3.32
CA ALA A 121 -36.87 -10.79 3.16
C ALA A 121 -35.70 -11.61 3.63
N ILE A 122 -34.52 -11.04 3.42
CA ILE A 122 -33.27 -11.63 3.85
C ILE A 122 -33.36 -11.95 5.31
N ALA A 123 -33.72 -10.86 5.95
CA ALA A 123 -33.79 -10.90 7.37
C ALA A 123 -34.99 -11.67 7.86
N ALA A 124 -35.85 -12.06 6.95
CA ALA A 124 -36.99 -12.79 7.37
C ALA A 124 -36.95 -14.25 7.02
N ASN A 125 -35.88 -14.75 6.40
CA ASN A 125 -35.80 -16.10 5.86
C ASN A 125 -36.95 -16.37 4.92
N SER A 126 -36.95 -15.46 3.97
CA SER A 126 -38.02 -15.44 3.05
C SER A 126 -37.53 -15.13 1.69
N GLY A 127 -38.42 -15.40 0.76
CA GLY A 127 -38.21 -15.05 -0.62
C GLY A 127 -38.94 -13.77 -0.97
N ILE A 128 -38.78 -13.05 -2.07
CA ILE A 128 -39.66 -11.93 -2.31
C ILE A 128 -40.80 -12.60 -2.96
N TYR A 129 -41.94 -12.05 -2.60
CA TYR A 129 -43.21 -12.52 -3.06
C TYR A 129 -44.27 -11.46 -2.74
N ALA B 1 8.81 11.83 6.09
CA ALA B 1 7.81 12.47 5.23
C ALA B 1 6.41 11.74 5.24
N SER B 2 6.01 11.18 4.09
CA SER B 2 4.70 10.72 3.72
C SER B 2 4.69 11.66 2.51
N ASN B 3 4.40 11.11 1.35
CA ASN B 3 4.48 11.95 0.18
C ASN B 3 3.17 12.01 -0.43
N PHE B 4 2.53 10.89 -0.17
CA PHE B 4 1.35 10.68 -0.87
C PHE B 4 0.35 11.73 -0.43
N GLU B 5 0.31 12.79 -1.23
CA GLU B 5 -0.62 13.88 -1.08
C GLU B 5 -0.71 14.55 -2.40
N GLU B 6 -1.87 15.21 -2.44
CA GLU B 6 -2.33 16.03 -3.51
C GLU B 6 -1.26 17.00 -3.97
N PHE B 7 -1.21 17.30 -5.25
CA PHE B 7 -0.33 18.34 -5.71
C PHE B 7 -0.85 18.80 -7.03
N VAL B 8 -0.15 19.78 -7.47
CA VAL B 8 -0.59 20.36 -8.67
C VAL B 8 0.28 19.90 -9.75
N LEU B 9 -0.47 19.24 -10.59
CA LEU B 9 0.16 18.71 -11.74
C LEU B 9 0.16 19.83 -12.72
N VAL B 10 -0.99 20.44 -12.94
CA VAL B 10 -0.84 21.49 -13.89
C VAL B 10 -1.18 22.80 -13.29
N ASP B 11 -0.09 23.57 -13.34
CA ASP B 11 -0.08 24.94 -12.86
C ASP B 11 -0.42 26.02 -13.87
N ASN B 12 -1.71 26.19 -13.91
CA ASN B 12 -2.24 27.18 -14.81
C ASN B 12 -2.29 28.56 -14.12
N GLY B 13 -1.07 28.99 -13.71
CA GLY B 13 -0.96 30.22 -12.91
C GLY B 13 -1.64 30.04 -11.52
N GLY B 14 -2.88 30.50 -11.29
CA GLY B 14 -3.48 30.24 -9.97
C GLY B 14 -4.93 29.73 -10.11
N THR B 15 -5.24 29.63 -11.41
CA THR B 15 -6.61 29.45 -11.76
C THR B 15 -6.89 28.41 -12.88
N GLY B 16 -7.64 27.34 -12.44
CA GLY B 16 -7.84 26.18 -13.33
C GLY B 16 -6.52 25.40 -13.40
N ASP B 17 -6.03 25.31 -12.18
CA ASP B 17 -4.92 24.51 -11.89
C ASP B 17 -5.54 23.11 -11.80
N VAL B 18 -4.77 22.03 -12.01
CA VAL B 18 -5.29 20.70 -11.73
C VAL B 18 -4.32 20.06 -10.77
N LYS B 19 -5.09 19.80 -9.76
CA LYS B 19 -4.52 19.14 -8.63
C LYS B 19 -5.02 17.76 -8.93
N VAL B 20 -4.18 16.90 -8.38
CA VAL B 20 -4.25 15.48 -8.55
C VAL B 20 -4.11 14.98 -7.14
N ALA B 21 -4.97 14.06 -6.76
CA ALA B 21 -5.00 13.50 -5.43
C ALA B 21 -4.70 12.03 -5.45
N PRO B 22 -4.23 11.50 -4.34
CA PRO B 22 -4.26 10.08 -4.05
C PRO B 22 -5.58 9.39 -4.28
N SER B 23 -5.44 8.29 -5.02
CA SER B 23 -6.51 7.43 -5.50
C SER B 23 -6.32 5.96 -5.30
N ASN B 24 -5.08 5.52 -5.10
CA ASN B 24 -4.86 4.12 -4.90
C ASN B 24 -3.46 3.83 -4.53
N PHE B 25 -3.24 2.89 -3.63
CA PHE B 25 -1.88 2.60 -3.24
C PHE B 25 -1.63 1.12 -3.23
N ALA B 26 -2.44 0.47 -4.06
CA ALA B 26 -2.40 -0.96 -4.10
C ALA B 26 -1.08 -1.41 -4.67
N ASN B 27 -0.46 -2.31 -3.93
CA ASN B 27 0.80 -2.87 -4.41
C ASN B 27 1.99 -1.96 -4.40
N GLY B 28 1.85 -1.01 -3.48
CA GLY B 28 2.92 -0.07 -3.31
C GLY B 28 3.04 0.79 -4.56
N VAL B 29 1.97 0.85 -5.35
CA VAL B 29 1.97 1.71 -6.48
C VAL B 29 1.08 2.85 -6.12
N ALA B 30 1.74 3.98 -6.23
CA ALA B 30 1.10 5.21 -5.90
C ALA B 30 0.27 5.70 -7.05
N GLU B 31 -1.02 5.98 -6.88
CA GLU B 31 -1.84 6.47 -7.96
C GLU B 31 -2.37 7.81 -7.59
N TRP B 32 -2.22 8.74 -8.47
CA TRP B 32 -2.80 10.03 -8.26
C TRP B 32 -3.70 10.26 -9.44
N ILE B 33 -4.79 10.93 -9.19
CA ILE B 33 -5.73 11.23 -10.23
C ILE B 33 -6.34 12.61 -10.06
N SER B 34 -6.83 13.19 -11.14
CA SER B 34 -7.53 14.45 -11.07
C SER B 34 -8.97 14.19 -10.63
N SER B 35 -9.87 15.13 -10.74
CA SER B 35 -11.22 14.77 -10.37
C SER B 35 -12.11 14.63 -11.58
N ASN B 36 -12.11 13.47 -12.24
CA ASN B 36 -12.79 13.34 -13.52
C ASN B 36 -13.39 11.98 -13.83
N SER B 37 -14.01 11.80 -15.02
CA SER B 37 -14.45 10.46 -15.37
C SER B 37 -13.09 9.89 -15.68
N ARG B 38 -12.98 8.62 -15.44
CA ARG B 38 -11.66 8.08 -15.61
C ARG B 38 -11.20 8.16 -17.04
N SER B 39 -12.19 8.29 -17.90
CA SER B 39 -11.96 8.52 -19.28
C SER B 39 -11.18 9.79 -19.38
N GLN B 40 -11.64 10.76 -18.63
CA GLN B 40 -11.10 12.08 -18.83
C GLN B 40 -10.04 12.58 -17.91
N ALA B 41 -9.67 11.72 -16.99
CA ALA B 41 -8.79 12.17 -15.95
C ALA B 41 -7.32 12.42 -16.19
N TYR B 42 -6.61 13.19 -15.40
CA TYR B 42 -5.18 13.23 -15.50
C TYR B 42 -4.81 12.15 -14.51
N LYS B 43 -3.74 11.41 -14.70
CA LYS B 43 -3.38 10.38 -13.75
C LYS B 43 -1.90 10.27 -13.74
N VAL B 44 -1.39 10.00 -12.57
CA VAL B 44 0.01 9.84 -12.42
C VAL B 44 0.22 8.60 -11.61
N THR B 45 1.25 7.79 -11.83
CA THR B 45 1.54 6.67 -10.96
C THR B 45 3.02 6.53 -10.78
N CYS B 46 3.46 5.86 -9.74
CA CYS B 46 4.88 5.79 -9.57
C CYS B 46 5.30 4.66 -8.70
N SER B 47 6.39 3.97 -9.04
CA SER B 47 6.90 2.85 -8.25
C SER B 47 8.38 2.64 -8.35
N VAL B 48 8.96 2.21 -7.24
CA VAL B 48 10.36 1.93 -7.24
C VAL B 48 10.31 0.49 -6.96
N ARG B 49 11.27 -0.14 -7.57
CA ARG B 49 11.56 -1.49 -7.20
C ARG B 49 13.02 -1.58 -7.55
N GLN B 50 13.63 -2.56 -6.92
CA GLN B 50 15.02 -2.82 -7.17
C GLN B 50 15.06 -3.74 -8.34
N SER B 51 15.96 -3.53 -9.28
CA SER B 51 15.89 -4.40 -10.41
C SER B 51 17.10 -5.31 -10.45
N SER B 52 18.23 -4.79 -10.95
CA SER B 52 19.46 -5.56 -11.09
C SER B 52 20.01 -5.53 -9.65
N ALA B 53 21.08 -6.19 -9.25
CA ALA B 53 21.50 -5.88 -7.89
C ALA B 53 22.37 -4.66 -7.95
N ASN B 54 22.42 -4.03 -9.12
CA ASN B 54 23.04 -2.73 -9.13
C ASN B 54 22.13 -1.59 -9.44
N ASN B 55 20.84 -1.78 -9.59
CA ASN B 55 20.08 -0.65 -9.98
C ASN B 55 18.78 -0.59 -9.27
N ARG B 56 18.12 0.57 -9.24
CA ARG B 56 16.74 0.62 -8.84
C ARG B 56 16.03 1.31 -9.96
N LYS B 57 14.74 1.21 -9.95
CA LYS B 57 13.97 1.80 -10.98
C LYS B 57 12.72 2.45 -10.50
N TYR B 58 12.61 3.68 -10.91
CA TYR B 58 11.42 4.37 -10.61
C TYR B 58 10.73 4.24 -11.92
N THR B 59 9.44 4.11 -11.82
CA THR B 59 8.66 3.87 -13.00
C THR B 59 7.47 4.74 -12.85
N VAL B 60 7.39 5.64 -13.79
CA VAL B 60 6.47 6.72 -13.67
C VAL B 60 5.67 6.88 -14.90
N LYS B 61 4.40 7.09 -14.71
CA LYS B 61 3.59 7.25 -15.86
C LYS B 61 2.61 8.33 -15.62
N VAL B 62 2.26 8.98 -16.73
CA VAL B 62 1.35 10.09 -16.71
C VAL B 62 0.36 9.97 -17.82
N GLU B 63 -0.92 10.19 -17.62
CA GLU B 63 -1.89 10.12 -18.71
C GLU B 63 -2.48 11.50 -18.74
N VAL B 64 -2.65 12.15 -19.87
CA VAL B 64 -3.15 13.52 -19.97
C VAL B 64 -4.28 13.54 -20.94
N PRO B 65 -5.41 14.13 -20.71
CA PRO B 65 -6.41 14.14 -21.72
C PRO B 65 -6.11 15.08 -22.84
N LYS B 66 -6.89 14.81 -23.85
CA LYS B 66 -6.99 15.72 -24.94
C LYS B 66 -8.20 16.39 -24.38
N VAL B 67 -8.07 17.72 -24.35
CA VAL B 67 -9.14 18.58 -23.82
C VAL B 67 -9.87 19.44 -24.82
N ALA B 68 -9.15 19.80 -25.85
CA ALA B 68 -9.71 20.56 -26.93
C ALA B 68 -11.01 19.95 -27.40
N THR B 69 -12.18 20.54 -27.40
CA THR B 69 -13.42 19.97 -27.94
C THR B 69 -13.95 18.80 -27.16
N GLN B 70 -13.33 18.64 -26.02
CA GLN B 70 -13.68 17.59 -25.13
C GLN B 70 -15.08 17.79 -24.65
N VAL B 71 -15.81 16.82 -24.17
CA VAL B 71 -17.14 17.11 -23.69
C VAL B 71 -17.12 16.47 -22.35
N GLN B 72 -17.24 17.32 -21.35
CA GLN B 72 -17.08 16.80 -20.02
C GLN B 72 -18.17 15.81 -19.74
N GLY B 73 -17.77 14.65 -19.27
CA GLY B 73 -18.72 13.62 -18.90
C GLY B 73 -18.99 12.61 -19.97
N GLY B 74 -18.70 12.95 -21.21
CA GLY B 74 -19.06 12.09 -22.31
C GLY B 74 -18.28 10.79 -22.46
N VAL B 75 -18.99 10.05 -23.31
CA VAL B 75 -18.53 8.76 -23.73
C VAL B 75 -17.88 9.25 -24.98
N GLU B 76 -16.58 9.22 -24.93
CA GLU B 76 -15.87 9.78 -26.05
C GLU B 76 -15.12 8.73 -26.77
N LEU B 77 -15.60 8.11 -27.83
CA LEU B 77 -14.77 7.04 -28.33
C LEU B 77 -14.01 7.35 -29.55
N PRO B 78 -12.79 6.89 -29.67
CA PRO B 78 -12.21 5.87 -28.89
C PRO B 78 -11.17 6.47 -28.06
N VAL B 79 -11.16 5.90 -26.90
CA VAL B 79 -10.36 6.42 -25.85
C VAL B 79 -8.98 6.81 -26.24
N ALA B 80 -8.37 5.96 -26.99
CA ALA B 80 -7.06 6.34 -27.40
C ALA B 80 -6.95 7.55 -28.33
N ALA B 81 -7.99 8.06 -28.97
CA ALA B 81 -7.89 9.35 -29.61
C ALA B 81 -7.84 10.44 -28.57
N TRP B 82 -8.51 10.23 -27.47
CA TRP B 82 -8.60 11.18 -26.44
C TRP B 82 -7.52 11.20 -25.41
N ARG B 83 -6.38 10.53 -25.41
CA ARG B 83 -5.45 10.65 -24.27
C ARG B 83 -4.03 10.52 -24.71
N SER B 84 -3.07 11.11 -24.05
CA SER B 84 -1.71 10.98 -24.51
C SER B 84 -1.03 10.21 -23.44
N TYR B 85 -0.06 9.35 -23.65
CA TYR B 85 0.48 8.62 -22.53
C TYR B 85 1.97 8.79 -22.44
N MET B 86 2.37 8.92 -21.19
CA MET B 86 3.74 9.19 -20.91
C MET B 86 4.20 8.07 -20.09
N ASN B 87 5.46 7.84 -20.31
CA ASN B 87 6.06 6.69 -19.74
C ASN B 87 7.51 6.75 -19.37
N MET B 88 7.83 6.36 -18.17
CA MET B 88 9.17 6.60 -17.79
C MET B 88 9.92 5.61 -17.00
N GLU B 89 11.19 5.36 -17.34
CA GLU B 89 12.00 4.57 -16.44
C GLU B 89 13.29 5.26 -16.02
N LEU B 90 13.56 5.23 -14.73
CA LEU B 90 14.73 5.89 -14.25
C LEU B 90 15.40 4.87 -13.44
N THR B 91 16.60 4.68 -13.93
CA THR B 91 17.45 3.64 -13.47
C THR B 91 18.49 4.23 -12.63
N ILE B 92 18.59 3.90 -11.38
CA ILE B 92 19.54 4.63 -10.65
C ILE B 92 20.35 3.69 -9.87
N PRO B 93 21.62 3.70 -10.20
CA PRO B 93 22.65 2.96 -9.57
C PRO B 93 22.56 2.97 -8.11
N VAL B 94 22.98 1.87 -7.61
CA VAL B 94 22.88 1.64 -6.22
C VAL B 94 23.77 2.54 -5.45
N PHE B 95 24.84 2.96 -6.08
CA PHE B 95 25.79 3.80 -5.39
C PHE B 95 25.38 5.23 -5.21
N ALA B 96 24.37 5.64 -5.95
CA ALA B 96 24.00 7.03 -5.90
C ALA B 96 23.50 7.37 -4.51
N THR B 97 24.25 8.40 -4.11
CA THR B 97 23.98 9.13 -2.88
C THR B 97 22.74 9.93 -3.20
N ASN B 98 22.24 10.44 -2.07
CA ASN B 98 21.10 11.32 -2.15
C ASN B 98 21.33 12.55 -3.04
N ASP B 99 22.57 13.05 -2.99
CA ASP B 99 22.88 14.22 -3.79
C ASP B 99 22.82 13.83 -5.25
N ASP B 100 23.39 12.65 -5.52
CA ASP B 100 23.47 12.22 -6.87
C ASP B 100 22.06 12.20 -7.42
N CYS B 101 21.10 11.80 -6.60
CA CYS B 101 19.74 11.77 -7.08
C CYS B 101 19.22 13.12 -7.34
N ALA B 102 19.57 14.06 -6.49
CA ALA B 102 19.12 15.40 -6.73
C ALA B 102 19.44 15.91 -8.10
N LEU B 103 20.70 15.64 -8.39
CA LEU B 103 21.21 16.03 -9.63
C LEU B 103 20.39 15.49 -10.75
N ILE B 104 20.11 14.22 -10.64
CA ILE B 104 19.36 13.50 -11.61
C ILE B 104 18.05 14.15 -11.84
N VAL B 105 17.45 14.49 -10.74
CA VAL B 105 16.16 15.04 -10.83
C VAL B 105 16.21 16.27 -11.64
N LYS B 106 17.15 17.06 -11.25
CA LYS B 106 17.31 18.29 -11.92
C LYS B 106 17.55 18.11 -13.40
N ALA B 107 18.27 17.09 -13.76
CA ALA B 107 18.54 16.86 -15.13
C ALA B 107 17.25 16.61 -15.81
N LEU B 108 16.37 15.90 -15.15
CA LEU B 108 15.10 15.62 -15.76
C LEU B 108 14.44 16.93 -15.98
N GLN B 109 14.47 17.72 -14.93
CA GLN B 109 13.75 18.98 -14.94
C GLN B 109 14.15 19.83 -16.12
N GLY B 110 15.46 19.73 -16.25
CA GLY B 110 16.20 20.38 -17.25
C GLY B 110 15.67 19.98 -18.58
N THR B 111 15.59 18.69 -18.86
CA THR B 111 15.26 18.30 -20.21
C THR B 111 13.89 18.81 -20.68
N PHE B 112 13.08 18.86 -19.65
CA PHE B 112 11.73 19.20 -19.85
C PHE B 112 11.32 20.63 -19.80
N LYS B 113 11.93 21.43 -18.94
CA LYS B 113 11.61 22.85 -18.77
C LYS B 113 11.28 23.66 -20.02
N THR B 114 10.25 24.49 -19.89
CA THR B 114 9.75 25.29 -21.01
C THR B 114 10.82 26.13 -21.69
N GLY B 115 10.72 26.25 -23.03
CA GLY B 115 11.78 26.92 -23.76
C GLY B 115 13.03 26.03 -24.00
N ASN B 116 13.18 24.87 -23.39
CA ASN B 116 14.26 24.02 -23.81
C ASN B 116 13.76 23.10 -24.87
N PRO B 117 14.59 22.71 -25.79
CA PRO B 117 14.14 22.18 -27.04
C PRO B 117 13.17 21.00 -26.99
N ILE B 118 13.29 20.03 -26.09
CA ILE B 118 12.36 18.92 -26.08
C ILE B 118 10.96 19.43 -25.98
N ALA B 119 10.97 20.21 -24.93
CA ALA B 119 9.78 20.79 -24.43
C ALA B 119 9.02 21.57 -25.44
N THR B 120 9.81 22.20 -26.27
CA THR B 120 9.27 23.09 -27.24
C THR B 120 8.70 22.34 -28.38
N ALA B 121 9.43 21.31 -28.71
CA ALA B 121 9.05 20.52 -29.83
C ALA B 121 7.81 19.73 -29.56
N ILE B 122 7.67 19.16 -28.38
CA ILE B 122 6.49 18.39 -28.02
C ILE B 122 5.25 19.19 -28.24
N ALA B 123 5.43 20.37 -27.71
CA ALA B 123 4.35 21.31 -27.66
C ALA B 123 4.03 21.95 -28.97
N ALA B 124 4.90 21.77 -29.93
CA ALA B 124 4.57 22.29 -31.23
C ALA B 124 4.19 21.14 -32.14
N ASN B 125 4.08 19.92 -31.60
CA ASN B 125 3.82 18.75 -32.40
C ASN B 125 4.99 18.67 -33.32
N SER B 126 6.16 18.68 -32.78
CA SER B 126 7.26 18.82 -33.67
C SER B 126 8.38 17.96 -33.40
N GLY B 127 9.21 17.99 -34.43
CA GLY B 127 10.46 17.29 -34.49
C GLY B 127 11.53 18.22 -34.06
N ILE B 128 12.75 17.81 -34.26
CA ILE B 128 13.85 18.70 -33.99
C ILE B 128 14.30 19.09 -35.38
N TYR B 129 14.89 20.28 -35.53
CA TYR B 129 15.38 20.78 -36.79
C TYR B 129 16.31 21.98 -36.58
N ALA C 1 -5.28 5.07 7.29
CA ALA C 1 -4.12 4.84 8.17
C ALA C 1 -3.03 4.02 7.45
N SER C 2 -1.99 3.79 8.22
CA SER C 2 -0.93 3.03 7.69
C SER C 2 -0.25 2.74 8.96
N ASN C 3 0.51 1.74 8.68
CA ASN C 3 1.55 1.33 9.56
C ASN C 3 2.65 1.13 8.58
N PHE C 4 2.48 1.34 7.30
CA PHE C 4 3.58 1.26 6.41
C PHE C 4 4.20 2.63 6.47
N GLU C 5 4.98 2.87 7.50
CA GLU C 5 5.50 4.19 7.78
C GLU C 5 6.98 4.26 8.05
N GLU C 6 7.52 5.46 8.10
CA GLU C 6 8.94 5.63 8.34
C GLU C 6 9.22 5.29 9.77
N PHE C 7 10.36 4.78 10.19
CA PHE C 7 10.58 4.73 11.62
C PHE C 7 12.03 4.53 11.96
N VAL C 8 12.28 4.53 13.25
CA VAL C 8 13.66 4.37 13.67
C VAL C 8 14.02 2.97 13.96
N LEU C 9 14.99 2.50 13.24
CA LEU C 9 15.46 1.20 13.59
C LEU C 9 16.48 1.46 14.70
N VAL C 10 17.32 2.44 14.46
CA VAL C 10 18.36 2.60 15.42
C VAL C 10 18.20 3.88 16.17
N ASP C 11 18.24 3.69 17.48
CA ASP C 11 18.08 4.79 18.37
C ASP C 11 19.13 4.95 19.43
N ASN C 12 19.99 5.79 18.94
CA ASN C 12 20.97 6.35 19.87
C ASN C 12 20.62 7.80 19.64
N GLY C 13 19.63 7.83 20.56
CA GLY C 13 18.74 8.94 20.85
C GLY C 13 19.23 10.25 20.28
N GLY C 14 18.31 10.89 19.53
CA GLY C 14 18.53 12.25 19.00
C GLY C 14 19.60 12.48 17.92
N THR C 15 20.71 11.79 18.03
CA THR C 15 21.78 12.03 17.14
C THR C 15 21.79 11.11 15.88
N GLY C 16 22.53 9.95 15.95
CA GLY C 16 22.80 9.12 14.78
C GLY C 16 21.63 8.20 14.52
N ASP C 17 20.44 8.74 14.42
CA ASP C 17 19.37 7.82 14.37
C ASP C 17 19.25 7.22 13.01
N VAL C 18 18.97 5.91 13.01
CA VAL C 18 18.82 5.29 11.75
C VAL C 18 17.37 5.02 11.62
N LYS C 19 17.00 5.78 10.65
CA LYS C 19 15.65 5.84 10.27
C LYS C 19 15.48 5.10 8.95
N VAL C 20 14.35 4.42 8.81
CA VAL C 20 14.08 3.58 7.69
C VAL C 20 12.73 3.97 7.15
N ALA C 21 12.54 3.75 5.87
CA ALA C 21 11.36 4.27 5.25
C ALA C 21 10.81 3.35 4.20
N PRO C 22 9.54 3.42 3.92
CA PRO C 22 8.90 2.74 2.86
C PRO C 22 9.63 2.85 1.55
N SER C 23 10.00 1.68 1.05
CA SER C 23 10.63 1.62 -0.23
C SER C 23 9.55 1.11 -1.13
N ASN C 24 9.10 -0.08 -0.82
CA ASN C 24 8.22 -0.68 -1.76
C ASN C 24 7.44 -1.76 -1.08
N PHE C 25 6.33 -2.10 -1.70
CA PHE C 25 5.48 -3.11 -1.12
C PHE C 25 5.00 -3.95 -2.23
N ALA C 26 5.98 -4.77 -2.55
CA ALA C 26 5.84 -5.72 -3.64
C ALA C 26 4.83 -6.86 -3.55
N ASN C 27 5.05 -7.96 -2.80
CA ASN C 27 4.08 -9.06 -2.88
C ASN C 27 3.76 -9.53 -1.52
N GLY C 28 3.39 -8.55 -0.74
CA GLY C 28 3.09 -8.91 0.64
C GLY C 28 4.37 -9.01 1.46
N VAL C 29 5.26 -8.18 0.89
CA VAL C 29 6.58 -7.97 1.33
C VAL C 29 6.72 -6.48 1.39
N ALA C 30 6.87 -6.03 2.62
CA ALA C 30 7.00 -4.64 2.84
C ALA C 30 8.48 -4.40 3.00
N GLU C 31 8.97 -3.36 2.32
CA GLU C 31 10.38 -3.09 2.34
C GLU C 31 10.62 -1.70 2.83
N TRP C 32 11.53 -1.68 3.75
CA TRP C 32 11.93 -0.48 4.40
C TRP C 32 13.38 -0.34 4.21
N ILE C 33 13.76 0.84 3.82
CA ILE C 33 15.11 1.17 3.45
C ILE C 33 15.56 2.38 4.19
N SER C 34 16.78 2.42 4.70
CA SER C 34 17.24 3.66 5.29
C SER C 34 17.54 4.61 4.14
N SER C 35 17.77 5.90 4.33
CA SER C 35 18.20 6.72 3.20
C SER C 35 19.71 6.52 2.96
N ASN C 36 20.03 7.19 1.85
CA ASN C 36 21.29 7.19 1.14
C ASN C 36 21.52 6.05 0.19
N SER C 37 22.75 5.81 -0.26
CA SER C 37 22.98 4.85 -1.29
C SER C 37 22.54 3.57 -0.68
N ARG C 38 21.73 3.03 -1.57
CA ARG C 38 21.12 1.75 -1.35
C ARG C 38 22.25 0.82 -1.04
N SER C 39 23.39 1.05 -1.68
CA SER C 39 24.57 0.27 -1.43
C SER C 39 24.99 0.18 -0.01
N GLN C 40 24.49 1.07 0.82
CA GLN C 40 24.75 0.97 2.22
C GLN C 40 23.57 1.39 3.04
N ALA C 41 22.43 0.88 2.64
CA ALA C 41 21.26 1.17 3.39
C ALA C 41 21.06 0.08 4.41
N TYR C 42 20.32 0.33 5.45
CA TYR C 42 19.85 -0.72 6.31
C TYR C 42 18.56 -1.15 5.61
N LYS C 43 18.01 -2.30 5.97
CA LYS C 43 16.81 -2.83 5.34
C LYS C 43 16.00 -3.67 6.29
N VAL C 44 14.70 -3.57 6.19
CA VAL C 44 13.86 -4.38 6.99
C VAL C 44 12.77 -4.85 6.11
N THR C 45 12.30 -6.06 6.31
CA THR C 45 11.16 -6.55 5.58
C THR C 45 10.37 -7.44 6.44
N CYS C 46 9.16 -7.54 5.96
CA CYS C 46 8.20 -8.31 6.68
C CYS C 46 7.11 -8.77 5.72
N SER C 47 6.40 -9.85 6.11
CA SER C 47 5.28 -10.48 5.42
C SER C 47 4.50 -11.37 6.34
N VAL C 48 3.25 -11.48 6.02
CA VAL C 48 2.48 -12.44 6.74
C VAL C 48 1.72 -13.12 5.67
N ARG C 49 1.83 -14.41 5.86
CA ARG C 49 1.38 -15.44 4.96
C ARG C 49 0.60 -16.32 5.86
N GLN C 50 -0.47 -16.95 5.40
CA GLN C 50 -1.15 -17.91 6.27
C GLN C 50 -0.46 -19.26 6.11
N SER C 51 0.15 -20.04 6.99
CA SER C 51 0.78 -21.27 6.51
C SER C 51 -0.20 -22.40 6.71
N SER C 52 -0.22 -23.20 7.81
CA SER C 52 -1.23 -24.22 8.01
C SER C 52 -2.59 -23.47 8.10
N ALA C 53 -3.58 -24.36 8.18
CA ALA C 53 -4.98 -24.05 8.50
C ALA C 53 -5.21 -23.25 9.79
N ASN C 54 -4.22 -23.35 10.67
CA ASN C 54 -4.38 -22.72 11.95
C ASN C 54 -3.33 -21.73 12.19
N ASN C 55 -2.46 -21.50 11.22
CA ASN C 55 -1.35 -20.67 11.55
C ASN C 55 -1.09 -19.57 10.60
N ARG C 56 -0.65 -18.46 11.16
CA ARG C 56 -0.19 -17.36 10.35
C ARG C 56 1.30 -17.21 10.63
N LYS C 57 2.06 -16.69 9.69
CA LYS C 57 3.46 -16.63 9.92
C LYS C 57 4.05 -15.40 9.33
N TYR C 58 4.64 -14.73 10.27
CA TYR C 58 5.26 -13.48 9.98
C TYR C 58 6.65 -13.87 9.69
N THR C 59 7.21 -13.09 8.79
CA THR C 59 8.55 -13.33 8.40
C THR C 59 9.25 -12.02 8.26
N VAL C 60 10.30 -11.85 9.04
CA VAL C 60 10.91 -10.56 9.17
C VAL C 60 12.39 -10.66 9.07
N LYS C 61 12.97 -9.77 8.30
CA LYS C 61 14.40 -9.75 8.22
C LYS C 61 14.91 -8.36 8.28
N VAL C 62 16.14 -8.29 8.75
CA VAL C 62 16.80 -7.05 8.96
C VAL C 62 18.22 -7.18 8.54
N GLU C 63 18.69 -6.14 7.91
CA GLU C 63 20.03 -6.13 7.40
C GLU C 63 20.79 -4.96 7.98
N VAL C 64 21.92 -5.11 8.64
CA VAL C 64 22.65 -3.99 9.17
C VAL C 64 23.96 -3.97 8.45
N PRO C 65 24.46 -2.87 7.91
CA PRO C 65 25.62 -2.79 7.05
C PRO C 65 26.84 -2.24 7.66
N LYS C 66 28.04 -2.68 7.37
CA LYS C 66 29.18 -2.00 7.94
C LYS C 66 29.48 -1.09 6.80
N VAL C 67 29.62 0.17 7.06
CA VAL C 67 29.77 1.08 5.95
C VAL C 67 31.20 1.22 5.56
N ALA C 68 31.57 1.47 4.32
CA ALA C 68 32.92 1.87 4.00
C ALA C 68 33.00 2.33 2.56
N THR C 69 34.21 2.59 2.12
CA THR C 69 34.40 3.14 0.82
C THR C 69 35.28 2.17 0.17
N GLN C 70 34.86 1.69 -0.99
CA GLN C 70 35.66 0.74 -1.74
C GLN C 70 36.38 1.65 -2.67
N VAL C 71 37.64 1.25 -2.81
CA VAL C 71 38.47 2.00 -3.71
C VAL C 71 39.15 1.00 -4.56
N GLN C 72 38.97 1.25 -5.85
CA GLN C 72 39.51 0.31 -6.76
C GLN C 72 39.87 1.01 -8.01
N GLY C 73 41.17 0.86 -8.26
CA GLY C 73 41.75 1.47 -9.45
C GLY C 73 41.43 2.98 -9.52
N GLY C 74 41.51 3.53 -8.29
CA GLY C 74 41.33 4.96 -8.11
C GLY C 74 39.89 5.43 -8.16
N VAL C 75 38.93 4.49 -7.99
CA VAL C 75 37.55 4.90 -7.99
C VAL C 75 36.98 4.55 -6.65
N GLU C 76 36.51 5.59 -5.97
CA GLU C 76 35.91 5.28 -4.70
C GLU C 76 34.39 5.29 -4.84
N LEU C 77 33.87 4.30 -4.13
CA LEU C 77 32.49 3.95 -4.07
C LEU C 77 31.97 3.63 -2.71
N PRO C 78 30.77 4.00 -2.42
CA PRO C 78 30.11 3.64 -1.20
C PRO C 78 29.64 2.22 -1.20
N VAL C 79 30.15 1.41 -0.34
CA VAL C 79 29.78 0.01 -0.37
C VAL C 79 29.57 -0.42 1.05
N ALA C 80 29.10 -1.64 1.25
CA ALA C 80 29.01 -2.18 2.59
C ALA C 80 30.20 -3.09 2.71
N ALA C 81 30.96 -3.02 3.76
CA ALA C 81 32.05 -3.94 3.84
C ALA C 81 31.51 -5.30 4.07
N TRP C 82 30.38 -5.42 4.73
CA TRP C 82 29.76 -6.69 4.98
C TRP C 82 28.44 -6.36 5.59
N ARG C 83 27.60 -7.31 5.92
CA ARG C 83 26.31 -7.01 6.47
C ARG C 83 25.96 -8.02 7.51
N SER C 84 25.13 -7.87 8.52
CA SER C 84 24.78 -9.06 9.27
C SER C 84 23.31 -9.12 9.15
N TYR C 85 22.90 -10.36 9.21
CA TYR C 85 21.56 -10.66 8.85
C TYR C 85 20.86 -11.37 9.95
N MET C 86 19.72 -10.77 10.17
CA MET C 86 18.85 -11.29 11.15
C MET C 86 17.73 -11.53 10.27
N ASN C 87 17.17 -12.60 10.71
CA ASN C 87 16.05 -13.07 10.01
C ASN C 87 15.12 -13.95 10.85
N MET C 88 13.80 -13.84 10.85
CA MET C 88 13.01 -14.65 11.74
C MET C 88 11.64 -15.02 11.29
N GLU C 89 11.10 -16.01 11.96
CA GLU C 89 9.78 -16.47 11.67
C GLU C 89 8.97 -16.61 12.91
N LEU C 90 7.77 -16.07 12.86
CA LEU C 90 6.94 -16.14 14.02
C LEU C 90 5.65 -16.68 13.53
N THR C 91 5.18 -17.60 14.34
CA THR C 91 4.02 -18.39 14.05
C THR C 91 3.02 -18.10 15.08
N ILE C 92 1.82 -17.79 14.70
CA ILE C 92 0.83 -17.51 15.68
C ILE C 92 -0.41 -18.15 15.18
N PRO C 93 -1.04 -18.91 16.02
CA PRO C 93 -2.32 -19.46 15.78
C PRO C 93 -3.38 -18.49 15.45
N VAL C 94 -4.41 -19.14 15.05
CA VAL C 94 -5.56 -18.43 14.65
C VAL C 94 -6.41 -18.06 15.82
N PHE C 95 -6.24 -18.84 16.83
CA PHE C 95 -6.96 -18.63 18.05
C PHE C 95 -6.41 -17.54 18.91
N ALA C 96 -5.37 -16.93 18.40
CA ALA C 96 -4.72 -15.88 19.12
C ALA C 96 -5.67 -14.74 19.05
N THR C 97 -5.98 -14.41 20.28
CA THR C 97 -6.72 -13.22 20.55
C THR C 97 -5.66 -12.17 20.48
N ASN C 98 -6.20 -10.97 20.43
CA ASN C 98 -5.35 -9.82 20.44
C ASN C 98 -4.45 -9.70 21.63
N ASP C 99 -4.98 -10.12 22.76
CA ASP C 99 -4.19 -10.01 23.96
C ASP C 99 -3.03 -10.94 23.91
N ASP C 100 -3.28 -12.04 23.22
CA ASP C 100 -2.22 -12.98 23.11
C ASP C 100 -1.08 -12.41 22.33
N CYS C 101 -1.43 -11.74 21.25
CA CYS C 101 -0.38 -11.20 20.43
C CYS C 101 0.52 -10.29 21.19
N ALA C 102 -0.17 -9.50 21.98
CA ALA C 102 0.52 -8.58 22.82
C ALA C 102 1.60 -9.25 23.63
N LEU C 103 1.14 -10.32 24.24
CA LEU C 103 1.98 -11.05 25.11
C LEU C 103 3.24 -11.52 24.39
N ILE C 104 3.01 -11.97 23.18
CA ILE C 104 4.07 -12.50 22.38
C ILE C 104 5.12 -11.48 22.15
N VAL C 105 4.57 -10.37 21.79
CA VAL C 105 5.41 -9.26 21.50
C VAL C 105 6.34 -8.98 22.63
N LYS C 106 5.71 -8.95 23.76
CA LYS C 106 6.47 -8.67 24.93
C LYS C 106 7.56 -9.69 25.15
N ALA C 107 7.25 -10.92 24.83
CA ALA C 107 8.24 -11.93 24.99
C ALA C 107 9.39 -11.66 24.06
N LEU C 108 9.10 -11.21 22.86
CA LEU C 108 10.17 -10.99 21.93
C LEU C 108 11.01 -9.89 22.44
N GLN C 109 10.35 -8.85 22.91
CA GLN C 109 11.07 -7.66 23.33
C GLN C 109 11.99 -8.00 24.45
N GLY C 110 11.30 -8.76 25.27
CA GLY C 110 11.79 -9.36 26.45
C GLY C 110 13.10 -9.99 26.09
N THR C 111 13.16 -10.88 25.11
CA THR C 111 14.41 -11.60 24.87
C THR C 111 15.60 -10.74 24.48
N PHE C 112 15.21 -9.74 23.73
CA PHE C 112 16.19 -8.86 23.20
C PHE C 112 16.48 -7.63 24.00
N LYS C 113 15.75 -7.39 25.09
CA LYS C 113 16.02 -6.21 25.92
C LYS C 113 17.43 -6.22 26.50
N THR C 114 18.16 -5.06 26.49
CA THR C 114 19.56 -4.98 26.96
C THR C 114 19.71 -5.51 28.37
N GLY C 115 20.83 -6.11 28.71
CA GLY C 115 20.88 -6.75 30.04
C GLY C 115 20.36 -8.19 30.08
N ASN C 116 19.34 -8.52 29.33
CA ASN C 116 18.95 -9.92 29.27
C ASN C 116 19.89 -10.71 28.38
N PRO C 117 20.07 -12.00 28.65
CA PRO C 117 21.34 -12.64 28.37
C PRO C 117 21.65 -12.77 26.88
N ILE C 118 20.60 -12.80 26.07
CA ILE C 118 20.82 -12.89 24.66
C ILE C 118 21.52 -11.68 24.17
N ALA C 119 20.75 -10.69 24.53
CA ALA C 119 21.02 -9.37 24.13
C ALA C 119 22.43 -8.95 24.44
N THR C 120 22.89 -9.42 25.58
CA THR C 120 24.24 -9.12 26.01
C THR C 120 25.28 -9.92 25.28
N ALA C 121 24.95 -11.18 25.09
CA ALA C 121 25.86 -12.06 24.46
C ALA C 121 26.18 -11.60 23.07
N ILE C 122 25.18 -11.23 22.32
CA ILE C 122 25.36 -10.82 20.95
C ILE C 122 26.25 -9.61 20.87
N ALA C 123 25.95 -8.70 21.74
CA ALA C 123 26.69 -7.48 21.77
C ALA C 123 28.10 -7.70 22.21
N ALA C 124 28.43 -8.85 22.74
CA ALA C 124 29.80 -9.10 23.07
C ALA C 124 30.50 -9.97 22.05
N ASN C 125 29.86 -10.33 20.92
CA ASN C 125 30.37 -11.38 20.04
C ASN C 125 30.57 -12.54 21.03
N SER C 126 29.65 -12.85 21.92
CA SER C 126 29.91 -13.86 22.90
C SER C 126 28.75 -14.77 22.91
N GLY C 127 28.88 -15.86 23.64
CA GLY C 127 27.87 -16.91 23.70
C GLY C 127 27.26 -17.03 25.07
N ILE C 128 26.80 -18.18 25.54
CA ILE C 128 26.31 -18.19 26.91
C ILE C 128 27.44 -18.75 27.75
N TYR C 129 27.49 -18.53 29.06
CA TYR C 129 28.48 -19.09 29.97
C TYR C 129 28.04 -18.88 31.41
#